data_1N5U
#
_entry.id   1N5U
#
_cell.length_a   183.116
_cell.length_b   37.909
_cell.length_c   94.832
_cell.angle_alpha   90.00
_cell.angle_beta   105.04
_cell.angle_gamma   90.00
#
_symmetry.space_group_name_H-M   'C 1 2 1'
#
loop_
_entity.id
_entity.type
_entity.pdbx_description
1 polymer 'SERUM ALBUMIN'
2 non-polymer 'MYRISTIC ACID'
3 non-polymer 'PROTOPORPHYRIN IX CONTAINING FE'
4 water water
#
_entity_poly.entity_id   1
_entity_poly.type   'polypeptide(L)'
_entity_poly.pdbx_seq_one_letter_code
;DAHKSEVAHRFKDLGEENFKALVLIAFAQYLQQCPFEDHVKLVNEVTEFAKTCVADESAENCDKSLHTLFGDKLCTVATL
RETYGEMADCCAKQEPERNECFLQHKDDNPNLPRLVRPEVDVMCTAFHDNEETFLKKYLYEIARRHPYFYAPELLFFAKR
YKAAFTECCQAADKAACLLPKLDELRDEGKASSAKQRLKCASLQKFGERAFKAWAVARLSQRFPKAEFAEVSKLVTDLTK
VHTECCHGDLLECADDRADLAKYICENQDSISSKLKECCEKPLLEKSHCIAEVENDEMPADLPSLAADFVESKDVCKNYA
EAKDVFLGMFLYEYARRHPDYSVVLLLRLAKTYETTLEKCCAAADPHECYAKVFDEFKPLVEEPQNLIKQNCELFEQLGE
YKFQNALLVRYTKKVPQVSTPTLVEVSRNLGKVGSKCCKHPEAKRMPCAEDYLSVVLNQLCVLHEKTPVSDRVTKCCTES
LVNRRPCFSALEVDETYVPKEFNAETFTFHADICTLSEKERQIKKQTALVELVKHKPKATKEQLKAVMDDFAAFVEKCCK
ADDKETCFAEEGKKLVAASQAALGL
;
_entity_poly.pdbx_strand_id   A
#
loop_
_chem_comp.id
_chem_comp.type
_chem_comp.name
_chem_comp.formula
HEM non-polymer 'PROTOPORPHYRIN IX CONTAINING FE' 'C34 H32 Fe N4 O4'
MYR non-polymer 'MYRISTIC ACID' 'C14 H28 O2'
#
# COMPACT_ATOMS: atom_id res chain seq x y z
N ALA A 2 5.83 -27.69 18.48
CA ALA A 2 6.20 -28.45 19.71
C ALA A 2 5.55 -27.85 20.94
N HIS A 3 6.25 -27.91 22.07
CA HIS A 3 5.79 -27.36 23.34
C HIS A 3 4.52 -28.01 23.90
N LYS A 4 4.57 -28.32 25.19
CA LYS A 4 3.45 -28.95 25.88
C LYS A 4 2.23 -28.04 25.77
N SER A 5 2.41 -26.79 26.18
CA SER A 5 1.34 -25.80 26.16
C SER A 5 1.69 -24.68 25.20
N GLU A 6 1.08 -24.69 24.02
CA GLU A 6 1.36 -23.65 23.05
C GLU A 6 0.98 -22.28 23.57
N VAL A 7 -0.17 -22.17 24.23
CA VAL A 7 -0.60 -20.87 24.75
C VAL A 7 0.43 -20.34 25.76
N ALA A 8 0.97 -21.24 26.57
CA ALA A 8 1.97 -20.84 27.56
C ALA A 8 3.20 -20.36 26.81
N HIS A 9 3.59 -21.10 25.77
CA HIS A 9 4.76 -20.72 24.99
C HIS A 9 4.56 -19.35 24.36
N ARG A 10 3.38 -19.12 23.78
CA ARG A 10 3.10 -17.84 23.15
C ARG A 10 3.09 -16.68 24.14
N PHE A 11 2.58 -16.94 25.34
CA PHE A 11 2.51 -15.92 26.38
C PHE A 11 3.92 -15.55 26.84
N LYS A 12 4.75 -16.57 27.07
CA LYS A 12 6.11 -16.38 27.51
C LYS A 12 6.92 -15.59 26.49
N ASP A 13 6.73 -15.88 25.22
CA ASP A 13 7.49 -15.19 24.19
C ASP A 13 6.99 -13.80 23.90
N LEU A 14 5.67 -13.65 23.74
CA LEU A 14 5.10 -12.35 23.43
C LEU A 14 5.10 -11.36 24.59
N GLY A 15 4.93 -11.87 25.80
CA GLY A 15 4.86 -11.01 26.95
C GLY A 15 3.38 -10.75 27.14
N GLU A 16 2.95 -10.58 28.40
CA GLU A 16 1.54 -10.36 28.70
C GLU A 16 0.84 -9.24 27.93
N GLU A 17 1.45 -8.06 27.90
CA GLU A 17 0.83 -6.93 27.21
C GLU A 17 0.58 -7.14 25.73
N ASN A 18 1.55 -7.71 25.04
CA ASN A 18 1.40 -7.98 23.61
C ASN A 18 0.41 -9.12 23.39
N PHE A 19 0.46 -10.13 24.26
CA PHE A 19 -0.45 -11.26 24.18
C PHE A 19 -1.89 -10.75 24.26
N LYS A 20 -2.17 -9.89 25.24
CA LYS A 20 -3.50 -9.33 25.42
C LYS A 20 -3.99 -8.48 24.25
N ALA A 21 -3.09 -7.71 23.65
CA ALA A 21 -3.47 -6.88 22.52
C ALA A 21 -3.76 -7.77 21.32
N LEU A 22 -2.95 -8.79 21.11
CA LEU A 22 -3.15 -9.69 19.98
C LEU A 22 -4.43 -10.52 20.12
N VAL A 23 -4.76 -10.90 21.34
CA VAL A 23 -5.97 -11.68 21.55
C VAL A 23 -7.16 -10.78 21.27
N LEU A 24 -7.05 -9.50 21.68
CA LEU A 24 -8.11 -8.55 21.43
C LEU A 24 -8.35 -8.39 19.93
N ILE A 25 -7.27 -8.22 19.17
CA ILE A 25 -7.38 -8.07 17.73
C ILE A 25 -7.99 -9.32 17.13
N ALA A 26 -7.46 -10.48 17.52
CA ALA A 26 -7.94 -11.77 17.01
C ALA A 26 -9.45 -11.90 17.18
N PHE A 27 -9.92 -11.65 18.39
CA PHE A 27 -11.34 -11.74 18.67
C PHE A 27 -12.16 -10.70 17.91
N ALA A 28 -11.64 -9.47 17.87
CA ALA A 28 -12.35 -8.41 17.18
C ALA A 28 -12.47 -8.70 15.68
N GLN A 29 -11.50 -9.42 15.13
CA GLN A 29 -11.54 -9.74 13.72
C GLN A 29 -12.55 -10.82 13.38
N TYR A 30 -13.03 -11.54 14.40
CA TYR A 30 -14.03 -12.58 14.20
C TYR A 30 -15.39 -12.10 14.74
N LEU A 31 -15.41 -11.64 15.98
CA LEU A 31 -16.63 -11.14 16.61
C LEU A 31 -16.75 -9.65 16.29
N GLN A 32 -16.69 -9.35 15.00
CA GLN A 32 -16.76 -7.98 14.49
C GLN A 32 -17.95 -7.16 14.99
N GLN A 33 -18.98 -7.85 15.46
CA GLN A 33 -20.18 -7.16 15.94
C GLN A 33 -20.34 -7.02 17.44
N CYS A 34 -19.48 -7.69 18.20
CA CYS A 34 -19.59 -7.60 19.66
C CYS A 34 -19.00 -6.31 20.18
N PRO A 35 -19.56 -5.80 21.30
CA PRO A 35 -19.11 -4.55 21.94
C PRO A 35 -17.70 -4.67 22.51
N PHE A 36 -17.04 -3.52 22.63
CA PHE A 36 -15.69 -3.45 23.18
C PHE A 36 -15.60 -4.15 24.53
N GLU A 37 -16.51 -3.83 25.45
CA GLU A 37 -16.51 -4.44 26.77
C GLU A 37 -16.54 -5.96 26.72
N ASP A 38 -17.30 -6.51 25.78
CA ASP A 38 -17.40 -7.96 25.62
C ASP A 38 -16.04 -8.54 25.27
N HIS A 39 -15.33 -7.83 24.39
CA HIS A 39 -14.02 -8.27 23.97
C HIS A 39 -13.02 -8.16 25.11
N VAL A 40 -13.12 -7.10 25.91
CA VAL A 40 -12.22 -6.95 27.05
C VAL A 40 -12.39 -8.14 28.00
N LYS A 41 -13.64 -8.50 28.24
CA LYS A 41 -13.94 -9.62 29.13
C LYS A 41 -13.35 -10.90 28.55
N LEU A 42 -13.54 -11.10 27.26
CA LEU A 42 -13.01 -12.29 26.61
C LEU A 42 -11.49 -12.33 26.74
N VAL A 43 -10.84 -11.20 26.46
CA VAL A 43 -9.38 -11.15 26.56
C VAL A 43 -8.87 -11.48 27.96
N ASN A 44 -9.51 -10.92 28.99
CA ASN A 44 -9.10 -11.18 30.36
C ASN A 44 -9.30 -12.64 30.72
N GLU A 45 -10.40 -13.22 30.25
CA GLU A 45 -10.66 -14.61 30.53
C GLU A 45 -9.57 -15.46 29.87
N VAL A 46 -9.29 -15.20 28.60
CA VAL A 46 -8.28 -15.96 27.89
C VAL A 46 -6.90 -15.76 28.54
N THR A 47 -6.61 -14.53 28.95
CA THR A 47 -5.32 -14.22 29.55
C THR A 47 -5.15 -14.90 30.90
N GLU A 48 -6.24 -14.97 31.67
CA GLU A 48 -6.15 -15.60 32.98
C GLU A 48 -5.88 -17.08 32.79
N PHE A 49 -6.47 -17.65 31.75
CA PHE A 49 -6.27 -19.06 31.46
C PHE A 49 -4.81 -19.25 31.05
N ALA A 50 -4.34 -18.41 30.13
CA ALA A 50 -2.96 -18.49 29.68
C ALA A 50 -2.01 -18.50 30.86
N LYS A 51 -2.29 -17.66 31.85
CA LYS A 51 -1.46 -17.57 33.03
C LYS A 51 -1.41 -18.88 33.81
N THR A 52 -2.50 -19.64 33.83
CA THR A 52 -2.48 -20.92 34.55
C THR A 52 -1.54 -21.85 33.81
N CYS A 53 -1.54 -21.74 32.49
CA CYS A 53 -0.67 -22.58 31.66
C CYS A 53 0.78 -22.19 31.84
N VAL A 54 1.01 -20.89 32.01
CA VAL A 54 2.36 -20.40 32.21
C VAL A 54 2.82 -20.93 33.56
N ALA A 55 1.94 -20.87 34.56
CA ALA A 55 2.31 -21.37 35.89
C ALA A 55 2.52 -22.88 35.83
N ASP A 56 1.79 -23.57 34.95
CA ASP A 56 1.92 -25.02 34.84
C ASP A 56 1.38 -25.54 33.51
N GLU A 57 2.28 -25.96 32.63
CA GLU A 57 1.90 -26.48 31.31
C GLU A 57 0.96 -27.68 31.40
N SER A 58 0.97 -28.34 32.54
CA SER A 58 0.12 -29.53 32.71
C SER A 58 -1.26 -29.20 33.23
N ALA A 59 -1.52 -27.93 33.49
CA ALA A 59 -2.83 -27.50 33.97
C ALA A 59 -3.89 -27.88 32.94
N GLU A 60 -5.11 -28.12 33.39
CA GLU A 60 -6.19 -28.53 32.49
C GLU A 60 -6.41 -27.66 31.26
N ASN A 61 -6.52 -28.32 30.11
CA ASN A 61 -6.73 -27.69 28.81
C ASN A 61 -5.51 -26.97 28.25
N CYS A 62 -4.46 -26.85 29.05
CA CYS A 62 -3.28 -26.15 28.60
C CYS A 62 -2.55 -26.80 27.43
N ASP A 63 -2.80 -28.10 27.22
CA ASP A 63 -2.13 -28.81 26.16
C ASP A 63 -2.91 -28.80 24.85
N LYS A 64 -4.02 -28.08 24.83
CA LYS A 64 -4.82 -27.99 23.60
C LYS A 64 -4.15 -26.97 22.67
N SER A 65 -4.37 -27.12 21.36
CA SER A 65 -3.75 -26.20 20.41
C SER A 65 -4.39 -24.83 20.52
N LEU A 66 -3.72 -23.83 19.93
CA LEU A 66 -4.22 -22.46 19.95
C LEU A 66 -5.54 -22.37 19.19
N HIS A 67 -5.61 -23.04 18.04
CA HIS A 67 -6.85 -23.02 17.25
C HIS A 67 -7.98 -23.65 18.03
N THR A 68 -7.70 -24.77 18.69
CA THR A 68 -8.72 -25.45 19.48
C THR A 68 -9.25 -24.51 20.58
N LEU A 69 -8.34 -23.94 21.34
CA LEU A 69 -8.71 -23.04 22.43
C LEU A 69 -9.46 -21.81 21.93
N PHE A 70 -8.97 -21.21 20.85
CA PHE A 70 -9.61 -20.02 20.29
C PHE A 70 -11.02 -20.35 19.78
N GLY A 71 -11.13 -21.43 19.03
CA GLY A 71 -12.43 -21.82 18.49
C GLY A 71 -13.42 -22.15 19.60
N ASP A 72 -12.95 -22.86 20.63
CA ASP A 72 -13.81 -23.21 21.75
C ASP A 72 -14.35 -21.94 22.40
N LYS A 73 -13.46 -20.98 22.63
CA LYS A 73 -13.87 -19.73 23.27
C LYS A 73 -14.89 -19.00 22.41
N LEU A 74 -14.68 -19.01 21.09
CA LEU A 74 -15.63 -18.36 20.20
C LEU A 74 -16.99 -19.03 20.33
N CYS A 75 -16.99 -20.35 20.45
CA CYS A 75 -18.24 -21.08 20.53
C CYS A 75 -18.99 -20.96 21.85
N THR A 76 -18.34 -20.36 22.86
CA THR A 76 -18.99 -20.17 24.14
C THR A 76 -19.70 -18.82 24.17
N VAL A 77 -19.54 -18.03 23.11
CA VAL A 77 -20.20 -16.74 23.06
C VAL A 77 -21.72 -16.95 22.92
N ALA A 78 -22.45 -16.54 23.95
CA ALA A 78 -23.89 -16.71 24.01
C ALA A 78 -24.72 -16.31 22.79
N THR A 79 -24.46 -15.14 22.24
CA THR A 79 -25.22 -14.62 21.11
C THR A 79 -24.63 -14.91 19.73
N LEU A 80 -23.74 -15.89 19.64
CA LEU A 80 -23.10 -16.23 18.38
C LEU A 80 -24.08 -16.40 17.21
N ARG A 81 -25.07 -17.26 17.38
CA ARG A 81 -26.05 -17.50 16.31
C ARG A 81 -26.95 -16.28 16.05
N GLU A 82 -27.45 -15.69 17.12
CA GLU A 82 -28.33 -14.53 17.04
C GLU A 82 -27.66 -13.35 16.34
N THR A 83 -26.36 -13.19 16.57
CA THR A 83 -25.63 -12.07 15.98
C THR A 83 -24.89 -12.43 14.69
N TYR A 84 -24.29 -13.62 14.64
CA TYR A 84 -23.54 -14.01 13.47
C TYR A 84 -24.15 -15.09 12.59
N GLY A 85 -25.39 -15.45 12.88
CA GLY A 85 -26.05 -16.46 12.07
C GLY A 85 -25.27 -17.73 11.78
N GLU A 86 -25.13 -18.07 10.50
CA GLU A 86 -24.46 -19.32 10.14
C GLU A 86 -23.05 -19.48 10.65
N MET A 87 -22.40 -18.39 11.04
CA MET A 87 -21.06 -18.54 11.55
C MET A 87 -21.13 -19.40 12.81
N ALA A 88 -22.25 -19.34 13.52
CA ALA A 88 -22.43 -20.15 14.73
C ALA A 88 -22.44 -21.63 14.36
N ASP A 89 -22.74 -21.93 13.10
CA ASP A 89 -22.78 -23.30 12.63
C ASP A 89 -21.36 -23.90 12.57
N CYS A 90 -20.35 -23.04 12.55
CA CYS A 90 -18.98 -23.52 12.53
C CYS A 90 -18.66 -24.33 13.79
N CYS A 91 -19.39 -24.04 14.86
CA CYS A 91 -19.15 -24.73 16.12
C CYS A 91 -19.48 -26.22 16.07
N ALA A 92 -20.29 -26.63 15.10
CA ALA A 92 -20.65 -28.03 14.98
C ALA A 92 -19.57 -28.82 14.26
N LYS A 93 -18.52 -28.14 13.81
CA LYS A 93 -17.43 -28.79 13.10
C LYS A 93 -16.21 -29.16 13.94
N GLN A 94 -15.49 -30.20 13.49
CA GLN A 94 -14.28 -30.67 14.16
C GLN A 94 -13.27 -29.55 13.91
N GLU A 95 -12.53 -29.18 14.95
CA GLU A 95 -11.60 -28.06 14.87
C GLU A 95 -10.99 -27.76 13.52
N PRO A 96 -10.12 -28.65 12.99
CA PRO A 96 -9.53 -28.32 11.69
C PRO A 96 -10.52 -27.60 10.78
N GLU A 97 -11.60 -28.28 10.45
CA GLU A 97 -12.63 -27.71 9.58
C GLU A 97 -13.29 -26.51 10.25
N ARG A 98 -13.37 -26.54 11.58
CA ARG A 98 -13.99 -25.44 12.30
C ARG A 98 -13.24 -24.14 12.08
N ASN A 99 -11.91 -24.17 12.17
CA ASN A 99 -11.13 -22.96 11.98
C ASN A 99 -11.34 -22.40 10.57
N GLU A 100 -11.29 -23.27 9.56
CA GLU A 100 -11.50 -22.83 8.19
C GLU A 100 -12.86 -22.16 8.06
N CYS A 101 -13.87 -22.77 8.67
CA CYS A 101 -15.22 -22.23 8.63
C CYS A 101 -15.27 -20.84 9.27
N PHE A 102 -14.61 -20.66 10.41
CA PHE A 102 -14.63 -19.34 11.04
C PHE A 102 -13.91 -18.35 10.14
N LEU A 103 -12.78 -18.77 9.60
CA LEU A 103 -11.99 -17.93 8.71
C LEU A 103 -12.80 -17.45 7.51
N GLN A 104 -13.56 -18.35 6.91
CA GLN A 104 -14.35 -17.99 5.75
C GLN A 104 -15.58 -17.14 6.08
N HIS A 105 -15.89 -17.00 7.36
CA HIS A 105 -17.03 -16.20 7.76
C HIS A 105 -16.67 -14.79 8.21
N LYS A 106 -15.40 -14.43 8.10
CA LYS A 106 -14.98 -13.09 8.45
C LYS A 106 -15.59 -12.18 7.40
N ASP A 107 -16.07 -11.01 7.80
CA ASP A 107 -16.69 -10.08 6.86
C ASP A 107 -15.75 -8.92 6.54
N ASP A 108 -15.26 -8.86 5.31
CA ASP A 108 -14.34 -7.81 4.91
C ASP A 108 -15.01 -6.45 4.69
N ASN A 109 -16.33 -6.41 4.78
CA ASN A 109 -17.09 -5.16 4.62
C ASN A 109 -18.30 -5.27 5.54
N PRO A 110 -18.06 -5.21 6.87
CA PRO A 110 -19.07 -5.29 7.92
C PRO A 110 -20.09 -4.15 7.99
N ASN A 111 -19.98 -3.22 7.05
CA ASN A 111 -20.87 -2.08 6.99
C ASN A 111 -21.05 -1.35 8.32
N LEU A 112 -19.94 -1.04 8.97
CA LEU A 112 -19.95 -0.31 10.22
C LEU A 112 -19.73 1.16 9.85
N PRO A 113 -20.15 2.11 10.72
CA PRO A 113 -19.94 3.54 10.41
C PRO A 113 -18.45 3.79 10.28
N ARG A 114 -18.08 4.70 9.40
CA ARG A 114 -16.67 5.01 9.20
C ARG A 114 -16.17 5.77 10.43
N LEU A 115 -14.93 5.51 10.83
CA LEU A 115 -14.34 6.18 11.97
C LEU A 115 -14.08 7.63 11.61
N VAL A 116 -14.37 8.53 12.56
CA VAL A 116 -14.13 9.94 12.32
C VAL A 116 -13.17 10.48 13.37
N ARG A 117 -12.28 11.35 12.94
CA ARG A 117 -11.30 11.95 13.83
C ARG A 117 -11.94 12.98 14.74
N PRO A 118 -11.87 12.76 16.07
CA PRO A 118 -12.46 13.71 17.02
C PRO A 118 -11.63 14.99 17.02
N GLU A 119 -12.13 16.01 17.72
CA GLU A 119 -11.37 17.24 17.83
C GLU A 119 -10.15 16.93 18.68
N VAL A 120 -9.04 17.62 18.40
CA VAL A 120 -7.80 17.41 19.12
C VAL A 120 -7.95 17.48 20.65
N ASP A 121 -8.67 18.48 21.14
CA ASP A 121 -8.85 18.63 22.58
C ASP A 121 -9.55 17.40 23.15
N VAL A 122 -10.55 16.91 22.43
CA VAL A 122 -11.30 15.74 22.86
C VAL A 122 -10.42 14.49 22.86
N MET A 123 -9.68 14.28 21.78
CA MET A 123 -8.81 13.11 21.67
C MET A 123 -7.79 13.10 22.79
N CYS A 124 -7.05 14.19 22.89
CA CYS A 124 -6.02 14.33 23.91
C CYS A 124 -6.52 14.14 25.32
N THR A 125 -7.71 14.64 25.59
CA THR A 125 -8.30 14.51 26.90
C THR A 125 -8.69 13.07 27.17
N ALA A 126 -9.23 12.41 26.16
CA ALA A 126 -9.63 11.02 26.31
C ALA A 126 -8.36 10.21 26.53
N PHE A 127 -7.33 10.53 25.74
CA PHE A 127 -6.05 9.86 25.84
C PHE A 127 -5.52 9.97 27.26
N HIS A 128 -5.56 11.18 27.81
CA HIS A 128 -5.09 11.44 29.17
C HIS A 128 -5.89 10.71 30.24
N ASP A 129 -7.22 10.73 30.11
CA ASP A 129 -8.07 10.08 31.11
C ASP A 129 -7.83 8.58 31.19
N ASN A 130 -7.47 7.96 30.06
CA ASN A 130 -7.22 6.53 30.04
C ASN A 130 -6.62 6.10 28.72
N GLU A 131 -5.29 6.20 28.64
CA GLU A 131 -4.55 5.84 27.45
C GLU A 131 -4.79 4.40 27.01
N GLU A 132 -4.80 3.50 27.99
CA GLU A 132 -5.00 2.08 27.71
C GLU A 132 -6.29 1.85 26.95
N THR A 133 -7.40 2.22 27.58
CA THR A 133 -8.72 2.05 26.97
C THR A 133 -8.89 2.82 25.68
N PHE A 134 -8.38 4.05 25.66
CA PHE A 134 -8.46 4.91 24.49
C PHE A 134 -7.82 4.21 23.29
N LEU A 135 -6.60 3.73 23.50
CA LEU A 135 -5.82 3.04 22.48
C LEU A 135 -6.41 1.68 22.11
N LYS A 136 -6.77 0.88 23.11
CA LYS A 136 -7.33 -0.43 22.83
C LYS A 136 -8.69 -0.29 22.14
N LYS A 137 -9.47 0.70 22.55
CA LYS A 137 -10.78 0.95 21.94
C LYS A 137 -10.62 1.11 20.43
N TYR A 138 -9.69 1.96 20.01
CA TYR A 138 -9.46 2.17 18.58
C TYR A 138 -8.86 0.96 17.89
N LEU A 139 -8.01 0.23 18.62
CA LEU A 139 -7.40 -0.98 18.07
C LEU A 139 -8.54 -1.92 17.70
N TYR A 140 -9.53 -1.99 18.57
CA TYR A 140 -10.71 -2.83 18.37
C TYR A 140 -11.56 -2.33 17.18
N GLU A 141 -11.73 -1.02 17.07
CA GLU A 141 -12.53 -0.45 15.98
C GLU A 141 -11.89 -0.72 14.63
N ILE A 142 -10.57 -0.64 14.57
CA ILE A 142 -9.88 -0.87 13.31
C ILE A 142 -9.84 -2.36 12.96
N ALA A 143 -9.55 -3.18 13.96
CA ALA A 143 -9.46 -4.62 13.75
C ALA A 143 -10.77 -5.19 13.23
N ARG A 144 -11.88 -4.89 13.88
CA ARG A 144 -13.16 -5.43 13.44
C ARG A 144 -13.61 -4.90 12.08
N ARG A 145 -13.06 -3.77 11.66
CA ARG A 145 -13.39 -3.18 10.37
C ARG A 145 -12.47 -3.73 9.31
N HIS A 146 -11.36 -4.32 9.76
CA HIS A 146 -10.39 -4.88 8.85
C HIS A 146 -9.94 -6.27 9.25
N PRO A 147 -10.85 -7.24 9.19
CA PRO A 147 -10.43 -8.59 9.56
C PRO A 147 -9.50 -8.91 8.40
N TYR A 148 -8.42 -9.63 8.65
CA TYR A 148 -7.44 -9.98 7.60
C TYR A 148 -6.24 -9.04 7.68
N PHE A 149 -6.40 -7.87 8.31
CA PHE A 149 -5.26 -6.96 8.45
C PHE A 149 -4.36 -7.69 9.46
N TYR A 150 -3.13 -7.99 9.04
CA TYR A 150 -2.18 -8.71 9.88
C TYR A 150 -2.12 -8.09 11.29
N ALA A 151 -2.60 -8.85 12.28
CA ALA A 151 -2.66 -8.39 13.66
C ALA A 151 -1.41 -7.73 14.23
N PRO A 152 -0.25 -8.40 14.16
CA PRO A 152 0.98 -7.79 14.68
C PRO A 152 1.24 -6.42 14.10
N GLU A 153 0.94 -6.27 12.81
CA GLU A 153 1.17 -4.99 12.16
C GLU A 153 0.30 -3.91 12.80
N LEU A 154 -0.90 -4.27 13.25
CA LEU A 154 -1.76 -3.28 13.90
C LEU A 154 -1.11 -2.82 15.20
N LEU A 155 -0.33 -3.71 15.81
CA LEU A 155 0.36 -3.39 17.06
C LEU A 155 1.43 -2.33 16.82
N PHE A 156 2.06 -2.40 15.65
CA PHE A 156 3.09 -1.43 15.32
C PHE A 156 2.44 -0.07 15.11
N PHE A 157 1.30 -0.03 14.44
CA PHE A 157 0.60 1.24 14.24
C PHE A 157 0.18 1.83 15.59
N ALA A 158 -0.35 0.96 16.45
CA ALA A 158 -0.81 1.36 17.78
C ALA A 158 0.27 2.07 18.58
N LYS A 159 1.45 1.49 18.61
CA LYS A 159 2.57 2.06 19.34
C LYS A 159 2.96 3.40 18.73
N ARG A 160 2.74 3.55 17.43
CA ARG A 160 3.05 4.81 16.78
C ARG A 160 1.99 5.85 17.13
N TYR A 161 0.73 5.44 17.26
CA TYR A 161 -0.32 6.39 17.63
C TYR A 161 -0.08 6.83 19.07
N LYS A 162 0.27 5.86 19.91
CA LYS A 162 0.52 6.15 21.31
C LYS A 162 1.60 7.22 21.41
N ALA A 163 2.67 7.07 20.63
CA ALA A 163 3.75 8.05 20.65
C ALA A 163 3.28 9.43 20.16
N ALA A 164 2.46 9.43 19.11
CA ALA A 164 1.95 10.67 18.55
C ALA A 164 1.14 11.44 19.59
N PHE A 165 0.24 10.74 20.28
CA PHE A 165 -0.57 11.37 21.31
C PHE A 165 0.22 11.79 22.53
N THR A 166 1.20 10.96 22.91
CA THR A 166 2.04 11.25 24.06
C THR A 166 2.82 12.54 23.86
N GLU A 167 3.39 12.69 22.68
CA GLU A 167 4.18 13.87 22.37
C GLU A 167 3.33 15.10 22.07
N CYS A 168 2.35 14.91 21.20
CA CYS A 168 1.51 16.02 20.78
C CYS A 168 0.48 16.56 21.75
N CYS A 169 0.01 15.73 22.68
CA CYS A 169 -0.99 16.23 23.60
C CYS A 169 -0.48 17.14 24.71
N GLN A 170 0.85 17.25 24.82
CA GLN A 170 1.44 18.12 25.85
C GLN A 170 2.31 19.17 25.18
N ALA A 171 2.10 19.35 23.89
CA ALA A 171 2.86 20.33 23.13
C ALA A 171 2.16 21.68 23.20
N ALA A 172 2.84 22.72 22.75
CA ALA A 172 2.27 24.06 22.74
C ALA A 172 1.15 24.12 21.71
N ASP A 173 1.45 23.64 20.50
CA ASP A 173 0.44 23.63 19.45
C ASP A 173 0.05 22.18 19.17
N LYS A 174 -0.81 21.65 20.04
CA LYS A 174 -1.28 20.27 19.95
C LYS A 174 -1.67 19.84 18.54
N ALA A 175 -2.62 20.55 17.93
CA ALA A 175 -3.08 20.20 16.59
C ALA A 175 -1.99 20.21 15.52
N ALA A 176 -1.16 21.26 15.53
CA ALA A 176 -0.09 21.37 14.54
C ALA A 176 0.84 20.16 14.59
N CYS A 177 1.00 19.61 15.78
CA CYS A 177 1.85 18.46 16.02
C CYS A 177 1.13 17.15 15.70
N LEU A 178 -0.06 17.01 16.27
CA LEU A 178 -0.87 15.82 16.15
C LEU A 178 -1.45 15.46 14.78
N LEU A 179 -2.21 16.38 14.18
CA LEU A 179 -2.85 16.11 12.90
C LEU A 179 -1.97 15.58 11.79
N PRO A 180 -0.81 16.19 11.55
CA PRO A 180 0.02 15.64 10.48
C PRO A 180 0.40 14.18 10.76
N LYS A 181 0.60 13.86 12.04
CA LYS A 181 0.96 12.50 12.41
C LYS A 181 -0.22 11.56 12.21
N LEU A 182 -1.42 12.02 12.53
CA LEU A 182 -2.62 11.21 12.36
C LEU A 182 -2.89 11.01 10.86
N ASP A 183 -2.61 12.06 10.08
CA ASP A 183 -2.79 11.98 8.64
C ASP A 183 -1.86 10.91 8.09
N GLU A 184 -0.59 10.93 8.52
CA GLU A 184 0.39 9.95 8.08
C GLU A 184 -0.03 8.52 8.44
N LEU A 185 -0.32 8.30 9.72
CA LEU A 185 -0.74 6.97 10.19
C LEU A 185 -1.95 6.47 9.40
N ARG A 186 -2.92 7.34 9.23
CA ARG A 186 -4.13 7.01 8.49
C ARG A 186 -3.78 6.57 7.06
N ASP A 187 -2.95 7.35 6.39
CA ASP A 187 -2.56 7.03 5.02
C ASP A 187 -1.78 5.72 4.97
N GLU A 188 -0.80 5.56 5.85
CA GLU A 188 -0.01 4.33 5.87
C GLU A 188 -0.92 3.14 6.12
N GLY A 189 -1.88 3.32 7.02
CA GLY A 189 -2.80 2.26 7.34
C GLY A 189 -3.61 1.83 6.12
N LYS A 190 -4.23 2.79 5.45
CA LYS A 190 -5.03 2.47 4.27
C LYS A 190 -4.15 1.81 3.22
N ALA A 191 -2.96 2.37 3.01
CA ALA A 191 -2.02 1.82 2.04
C ALA A 191 -1.66 0.39 2.37
N SER A 192 -1.26 0.14 3.62
CA SER A 192 -0.90 -1.21 4.03
C SER A 192 -2.04 -2.18 3.75
N SER A 193 -3.26 -1.77 4.09
CA SER A 193 -4.42 -2.63 3.86
C SER A 193 -4.61 -2.89 2.36
N ALA A 194 -4.48 -1.83 1.56
CA ALA A 194 -4.63 -1.93 0.11
C ALA A 194 -3.52 -2.84 -0.45
N LYS A 195 -2.31 -2.60 0.02
CA LYS A 195 -1.14 -3.36 -0.41
C LYS A 195 -1.31 -4.84 -0.09
N GLN A 196 -1.80 -5.12 1.12
CA GLN A 196 -2.02 -6.51 1.54
C GLN A 196 -3.01 -7.19 0.59
N ARG A 197 -4.04 -6.47 0.18
CA ARG A 197 -5.04 -7.05 -0.72
C ARG A 197 -4.53 -7.17 -2.16
N LEU A 198 -3.80 -6.16 -2.61
CA LEU A 198 -3.26 -6.18 -3.97
C LEU A 198 -2.34 -7.37 -4.18
N LYS A 199 -1.47 -7.62 -3.21
CA LYS A 199 -0.53 -8.73 -3.30
C LYS A 199 -1.26 -10.07 -3.42
N CYS A 200 -2.27 -10.28 -2.59
CA CYS A 200 -3.02 -11.53 -2.66
C CYS A 200 -3.82 -11.66 -3.94
N ALA A 201 -4.41 -10.55 -4.38
CA ALA A 201 -5.18 -10.56 -5.61
C ALA A 201 -4.24 -10.85 -6.78
N SER A 202 -3.04 -10.30 -6.71
CA SER A 202 -2.06 -10.51 -7.77
C SER A 202 -1.60 -11.96 -7.81
N LEU A 203 -1.40 -12.55 -6.63
CA LEU A 203 -0.97 -13.93 -6.56
C LEU A 203 -2.04 -14.78 -7.24
N GLN A 204 -3.30 -14.49 -6.94
CA GLN A 204 -4.44 -15.21 -7.49
C GLN A 204 -4.54 -15.12 -9.01
N LYS A 205 -4.53 -13.90 -9.53
CA LYS A 205 -4.67 -13.68 -10.96
C LYS A 205 -3.49 -14.04 -11.85
N PHE A 206 -2.28 -13.68 -11.43
CA PHE A 206 -1.10 -13.93 -12.25
C PHE A 206 -0.32 -15.20 -11.93
N GLY A 207 -0.60 -15.80 -10.79
CA GLY A 207 0.09 -17.03 -10.47
C GLY A 207 1.31 -16.96 -9.59
N GLU A 208 1.76 -18.13 -9.15
CA GLU A 208 2.90 -18.26 -8.28
C GLU A 208 4.23 -17.92 -8.98
N ARG A 209 4.39 -18.36 -10.21
CA ARG A 209 5.62 -18.07 -10.96
C ARG A 209 5.85 -16.57 -11.04
N ALA A 210 4.79 -15.82 -11.35
CA ALA A 210 4.91 -14.37 -11.45
C ALA A 210 5.35 -13.78 -10.12
N PHE A 211 4.81 -14.31 -9.02
CA PHE A 211 5.22 -13.79 -7.72
C PHE A 211 6.67 -14.12 -7.45
N LYS A 212 7.08 -15.33 -7.80
CA LYS A 212 8.46 -15.75 -7.57
C LYS A 212 9.42 -14.86 -8.33
N ALA A 213 9.04 -14.44 -9.54
CA ALA A 213 9.89 -13.57 -10.32
C ALA A 213 10.05 -12.26 -9.56
N TRP A 214 8.93 -11.70 -9.13
CA TRP A 214 8.94 -10.45 -8.38
C TRP A 214 9.82 -10.59 -7.15
N ALA A 215 9.71 -11.74 -6.47
CA ALA A 215 10.47 -12.02 -5.25
C ALA A 215 11.97 -12.09 -5.52
N VAL A 216 12.36 -12.80 -6.58
CA VAL A 216 13.78 -12.90 -6.90
C VAL A 216 14.35 -11.50 -7.07
N ALA A 217 13.64 -10.67 -7.81
CA ALA A 217 14.10 -9.31 -8.06
C ALA A 217 14.21 -8.48 -6.78
N ARG A 218 13.16 -8.49 -5.97
CA ARG A 218 13.16 -7.71 -4.75
C ARG A 218 14.19 -8.21 -3.72
N LEU A 219 14.29 -9.52 -3.55
CA LEU A 219 15.24 -10.08 -2.60
C LEU A 219 16.69 -9.85 -3.05
N SER A 220 16.91 -9.91 -4.37
CA SER A 220 18.24 -9.69 -4.92
C SER A 220 18.72 -8.24 -4.73
N GLN A 221 17.82 -7.28 -4.86
CA GLN A 221 18.19 -5.88 -4.64
C GLN A 221 18.52 -5.70 -3.18
N ARG A 222 17.74 -6.35 -2.32
CA ARG A 222 17.91 -6.25 -0.87
C ARG A 222 19.15 -6.97 -0.33
N PHE A 223 19.42 -8.16 -0.86
CA PHE A 223 20.54 -8.99 -0.41
C PHE A 223 21.46 -9.30 -1.58
N PRO A 224 22.07 -8.27 -2.17
CA PRO A 224 22.98 -8.46 -3.31
C PRO A 224 24.20 -9.36 -3.09
N LYS A 225 24.68 -9.46 -1.85
CA LYS A 225 25.84 -10.30 -1.57
C LYS A 225 25.50 -11.76 -1.41
N ALA A 226 24.22 -12.05 -1.23
CA ALA A 226 23.77 -13.43 -1.07
C ALA A 226 23.91 -14.17 -2.39
N GLU A 227 24.24 -15.46 -2.34
CA GLU A 227 24.36 -16.27 -3.54
C GLU A 227 22.97 -16.50 -4.13
N PHE A 228 22.92 -16.87 -5.40
CA PHE A 228 21.64 -17.12 -6.03
C PHE A 228 20.90 -18.26 -5.34
N ALA A 229 21.61 -19.31 -4.94
CA ALA A 229 20.95 -20.44 -4.28
C ALA A 229 20.26 -20.01 -2.99
N GLU A 230 20.84 -19.01 -2.32
CA GLU A 230 20.27 -18.52 -1.07
C GLU A 230 19.03 -17.68 -1.38
N VAL A 231 19.14 -16.86 -2.41
CA VAL A 231 18.02 -16.03 -2.83
C VAL A 231 16.88 -16.95 -3.26
N SER A 232 17.23 -18.01 -3.98
CA SER A 232 16.25 -18.96 -4.46
C SER A 232 15.54 -19.61 -3.28
N LYS A 233 16.31 -19.99 -2.27
CA LYS A 233 15.73 -20.61 -1.08
C LYS A 233 14.78 -19.62 -0.41
N LEU A 234 15.21 -18.37 -0.30
CA LEU A 234 14.39 -17.33 0.31
C LEU A 234 13.12 -17.07 -0.50
N VAL A 235 13.20 -17.14 -1.83
CA VAL A 235 12.01 -16.91 -2.64
C VAL A 235 11.01 -18.05 -2.41
N THR A 236 11.50 -19.26 -2.23
CA THR A 236 10.60 -20.38 -1.98
C THR A 236 9.90 -20.18 -0.65
N ASP A 237 10.65 -19.81 0.38
CA ASP A 237 10.09 -19.59 1.69
C ASP A 237 9.13 -18.40 1.69
N LEU A 238 9.51 -17.33 1.00
CA LEU A 238 8.65 -16.16 0.93
C LEU A 238 7.36 -16.48 0.18
N THR A 239 7.45 -17.30 -0.86
CA THR A 239 6.25 -17.63 -1.61
C THR A 239 5.29 -18.39 -0.69
N LYS A 240 5.83 -19.27 0.15
CA LYS A 240 4.99 -20.01 1.08
C LYS A 240 4.34 -19.06 2.10
N VAL A 241 5.12 -18.14 2.66
CA VAL A 241 4.55 -17.21 3.63
C VAL A 241 3.47 -16.36 3.01
N HIS A 242 3.75 -15.84 1.81
CA HIS A 242 2.81 -14.99 1.10
C HIS A 242 1.51 -15.74 0.80
N THR A 243 1.65 -16.96 0.29
CA THR A 243 0.50 -17.77 -0.04
C THR A 243 -0.34 -18.11 1.17
N GLU A 244 0.30 -18.54 2.26
CA GLU A 244 -0.44 -18.90 3.45
C GLU A 244 -1.03 -17.68 4.16
N CYS A 245 -0.29 -16.57 4.17
CA CYS A 245 -0.83 -15.36 4.78
C CYS A 245 -2.04 -14.88 4.00
N CYS A 246 -2.03 -15.09 2.68
CA CYS A 246 -3.18 -14.68 1.89
C CYS A 246 -4.40 -15.54 2.22
N HIS A 247 -4.16 -16.76 2.67
CA HIS A 247 -5.26 -17.64 3.04
C HIS A 247 -5.99 -17.01 4.23
N GLY A 248 -5.28 -16.18 5.00
CA GLY A 248 -5.90 -15.47 6.11
C GLY A 248 -5.83 -15.90 7.56
N ASP A 249 -5.29 -17.07 7.87
CA ASP A 249 -5.22 -17.47 9.27
C ASP A 249 -4.06 -16.81 9.99
N LEU A 250 -4.38 -16.01 11.01
CA LEU A 250 -3.37 -15.29 11.77
C LEU A 250 -2.18 -16.15 12.21
N LEU A 251 -2.47 -17.20 12.97
CA LEU A 251 -1.42 -18.07 13.48
C LEU A 251 -0.56 -18.74 12.42
N GLU A 252 -1.19 -19.30 11.39
CA GLU A 252 -0.44 -19.95 10.32
C GLU A 252 0.52 -18.93 9.70
N CYS A 253 0.00 -17.74 9.42
CA CYS A 253 0.79 -16.66 8.82
C CYS A 253 1.91 -16.19 9.75
N ALA A 254 1.58 -15.97 11.02
CA ALA A 254 2.55 -15.52 12.00
C ALA A 254 3.69 -16.52 12.17
N ASP A 255 3.36 -17.80 12.21
CA ASP A 255 4.36 -18.84 12.38
C ASP A 255 5.24 -18.94 11.14
N ASP A 256 4.65 -18.78 9.96
CA ASP A 256 5.43 -18.83 8.71
C ASP A 256 6.41 -17.66 8.68
N ARG A 257 5.92 -16.46 9.01
CA ARG A 257 6.77 -15.27 9.01
C ARG A 257 7.86 -15.42 10.05
N ALA A 258 7.49 -15.91 11.23
CA ALA A 258 8.43 -16.12 12.33
C ALA A 258 9.51 -17.12 11.93
N ASP A 259 9.09 -18.18 11.24
CA ASP A 259 10.04 -19.21 10.79
C ASP A 259 11.05 -18.64 9.81
N LEU A 260 10.55 -17.86 8.85
CA LEU A 260 11.45 -17.26 7.85
C LEU A 260 12.40 -16.28 8.52
N ALA A 261 11.86 -15.40 9.36
CA ALA A 261 12.71 -14.42 10.05
C ALA A 261 13.78 -15.16 10.83
N LYS A 262 13.39 -16.24 11.49
CA LYS A 262 14.35 -17.04 12.27
C LYS A 262 15.43 -17.61 11.36
N TYR A 263 15.03 -18.16 10.21
CA TYR A 263 16.02 -18.72 9.29
C TYR A 263 17.00 -17.62 8.86
N ILE A 264 16.45 -16.47 8.46
CA ILE A 264 17.25 -15.35 8.01
C ILE A 264 18.24 -14.91 9.08
N CYS A 265 17.74 -14.77 10.29
CA CYS A 265 18.58 -14.35 11.38
C CYS A 265 19.69 -15.32 11.76
N GLU A 266 19.49 -16.60 11.48
CA GLU A 266 20.49 -17.61 11.79
C GLU A 266 21.47 -17.78 10.62
N ASN A 267 21.23 -17.03 9.55
CA ASN A 267 22.07 -17.14 8.37
C ASN A 267 22.45 -15.76 7.81
N GLN A 268 22.60 -14.80 8.70
CA GLN A 268 22.94 -13.44 8.30
C GLN A 268 24.22 -13.36 7.46
N ASP A 269 25.21 -14.17 7.80
CA ASP A 269 26.48 -14.16 7.07
C ASP A 269 26.31 -14.55 5.61
N SER A 270 25.23 -15.25 5.29
CA SER A 270 24.98 -15.66 3.91
C SER A 270 23.89 -14.82 3.27
N ILE A 271 23.36 -13.85 4.01
CA ILE A 271 22.30 -13.03 3.45
C ILE A 271 22.56 -11.52 3.39
N SER A 272 22.87 -10.91 4.52
CA SER A 272 23.12 -9.47 4.54
C SER A 272 23.76 -9.01 5.84
N SER A 273 24.57 -7.97 5.76
CA SER A 273 25.25 -7.42 6.93
C SER A 273 24.42 -6.34 7.63
N LYS A 274 23.20 -6.11 7.16
CA LYS A 274 22.34 -5.07 7.76
C LYS A 274 21.27 -5.61 8.71
N LEU A 275 21.30 -6.91 8.99
CA LEU A 275 20.28 -7.55 9.83
C LEU A 275 20.54 -7.73 11.32
N LYS A 276 21.73 -7.37 11.79
CA LYS A 276 22.06 -7.55 13.21
C LYS A 276 21.06 -6.93 14.19
N GLU A 277 20.84 -5.62 14.05
CA GLU A 277 19.94 -4.90 14.96
C GLU A 277 18.57 -5.54 15.08
N CYS A 278 18.04 -6.06 13.97
CA CYS A 278 16.74 -6.63 14.08
C CYS A 278 16.61 -8.09 14.34
N CYS A 279 17.73 -8.80 14.24
CA CYS A 279 17.71 -10.21 14.52
C CYS A 279 17.85 -10.39 16.03
N GLU A 280 18.03 -9.27 16.72
CA GLU A 280 18.14 -9.27 18.17
C GLU A 280 16.78 -8.90 18.76
N LYS A 281 15.88 -8.42 17.92
CA LYS A 281 14.54 -8.03 18.36
C LYS A 281 13.63 -9.18 18.78
N PRO A 282 12.59 -8.88 19.58
CA PRO A 282 11.69 -9.95 20.01
C PRO A 282 11.03 -10.61 18.78
N LEU A 283 10.63 -11.87 18.94
CA LEU A 283 10.01 -12.61 17.84
C LEU A 283 8.93 -11.78 17.15
N LEU A 284 8.09 -11.14 17.95
CA LEU A 284 7.00 -10.33 17.43
C LEU A 284 7.37 -9.28 16.39
N GLU A 285 8.54 -8.65 16.57
CA GLU A 285 8.96 -7.58 15.68
C GLU A 285 9.99 -7.94 14.61
N LYS A 286 10.58 -9.13 14.71
CA LYS A 286 11.60 -9.56 13.76
C LYS A 286 11.27 -9.46 12.27
N SER A 287 10.26 -10.20 11.81
CA SER A 287 9.91 -10.20 10.40
C SER A 287 9.53 -8.82 9.89
N HIS A 288 8.77 -8.08 10.69
CA HIS A 288 8.36 -6.74 10.30
C HIS A 288 9.60 -5.88 10.09
N CYS A 289 10.55 -5.97 11.01
CA CYS A 289 11.74 -5.17 10.86
C CYS A 289 12.66 -5.60 9.72
N ILE A 290 12.77 -6.90 9.52
CA ILE A 290 13.60 -7.42 8.43
C ILE A 290 12.98 -6.95 7.11
N ALA A 291 11.66 -6.86 7.08
CA ALA A 291 10.95 -6.45 5.87
C ALA A 291 11.27 -5.00 5.49
N GLU A 292 11.68 -4.19 6.46
CA GLU A 292 11.99 -2.79 6.20
C GLU A 292 13.49 -2.51 6.18
N VAL A 293 14.29 -3.56 6.25
CA VAL A 293 15.74 -3.38 6.26
C VAL A 293 16.18 -2.75 4.94
N GLU A 294 17.11 -1.80 5.02
CA GLU A 294 17.60 -1.15 3.81
C GLU A 294 18.43 -2.16 3.02
N ASN A 295 18.52 -1.97 1.72
CA ASN A 295 19.30 -2.87 0.85
C ASN A 295 20.73 -2.97 1.38
N ASP A 296 21.33 -4.14 1.31
CA ASP A 296 22.70 -4.28 1.74
C ASP A 296 23.51 -3.63 0.63
N GLU A 297 24.76 -3.29 0.91
CA GLU A 297 25.59 -2.68 -0.12
C GLU A 297 25.97 -3.82 -1.07
N MET A 298 25.96 -3.57 -2.38
CA MET A 298 26.30 -4.62 -3.32
C MET A 298 27.81 -4.85 -3.40
N PRO A 299 28.23 -6.06 -3.83
CA PRO A 299 29.63 -6.42 -3.97
C PRO A 299 30.34 -5.43 -4.89
N ALA A 300 31.60 -5.13 -4.59
CA ALA A 300 32.38 -4.18 -5.38
C ALA A 300 32.64 -4.65 -6.81
N ASP A 301 32.62 -3.69 -7.73
CA ASP A 301 32.84 -3.91 -9.16
C ASP A 301 32.46 -5.30 -9.66
N LEU A 302 31.16 -5.54 -9.74
CA LEU A 302 30.65 -6.81 -10.24
C LEU A 302 30.80 -6.79 -11.76
N PRO A 303 31.11 -7.94 -12.36
CA PRO A 303 31.26 -7.96 -13.82
C PRO A 303 29.92 -7.73 -14.53
N SER A 304 29.99 -7.41 -15.82
CA SER A 304 28.79 -7.18 -16.60
C SER A 304 28.14 -8.54 -16.86
N LEU A 305 26.84 -8.54 -17.12
CA LEU A 305 26.10 -9.77 -17.37
C LEU A 305 26.32 -10.27 -18.79
N ALA A 306 26.99 -9.46 -19.61
CA ALA A 306 27.24 -9.83 -21.00
C ALA A 306 27.93 -11.20 -21.11
N ALA A 307 28.92 -11.44 -20.28
CA ALA A 307 29.68 -12.68 -20.31
C ALA A 307 28.84 -13.96 -20.19
N ASP A 308 28.00 -14.02 -19.17
CA ASP A 308 27.17 -15.19 -18.92
C ASP A 308 25.84 -15.25 -19.66
N PHE A 309 25.27 -14.09 -19.96
CA PHE A 309 23.96 -14.08 -20.62
C PHE A 309 23.91 -13.65 -22.09
N VAL A 310 25.06 -13.42 -22.69
CA VAL A 310 25.11 -13.02 -24.10
C VAL A 310 26.32 -13.58 -24.85
N GLU A 311 27.49 -13.49 -24.22
CA GLU A 311 28.72 -13.97 -24.84
C GLU A 311 28.95 -15.47 -24.72
N SER A 312 28.59 -16.05 -23.58
CA SER A 312 28.77 -17.48 -23.36
C SER A 312 28.14 -18.30 -24.47
N LYS A 313 28.83 -19.36 -24.88
CA LYS A 313 28.35 -20.23 -25.94
C LYS A 313 27.23 -21.12 -25.43
N ASP A 314 27.18 -21.30 -24.12
CA ASP A 314 26.17 -22.14 -23.48
C ASP A 314 24.87 -21.43 -23.08
N VAL A 315 24.65 -20.21 -23.56
CA VAL A 315 23.43 -19.50 -23.20
C VAL A 315 22.14 -20.27 -23.44
N CYS A 316 21.90 -20.66 -24.70
CA CYS A 316 20.69 -21.38 -25.02
C CYS A 316 20.63 -22.74 -24.35
N LYS A 317 21.77 -23.41 -24.26
CA LYS A 317 21.83 -24.71 -23.63
C LYS A 317 21.46 -24.58 -22.15
N ASN A 318 22.06 -23.61 -21.47
CA ASN A 318 21.78 -23.39 -20.05
C ASN A 318 20.34 -22.97 -19.82
N TYR A 319 19.83 -22.14 -20.73
CA TYR A 319 18.46 -21.66 -20.62
C TYR A 319 17.43 -22.77 -20.83
N ALA A 320 17.58 -23.50 -21.92
CA ALA A 320 16.65 -24.56 -22.25
C ALA A 320 16.55 -25.66 -21.23
N GLU A 321 17.65 -25.97 -20.56
CA GLU A 321 17.66 -27.04 -19.56
C GLU A 321 16.79 -26.75 -18.34
N ALA A 322 16.67 -25.48 -17.96
CA ALA A 322 15.85 -25.08 -16.81
C ALA A 322 15.60 -23.60 -17.00
N LYS A 323 14.64 -23.28 -17.86
CA LYS A 323 14.30 -21.92 -18.21
C LYS A 323 14.04 -20.97 -17.05
N ASP A 324 13.12 -21.32 -16.16
CA ASP A 324 12.83 -20.45 -15.05
C ASP A 324 14.03 -20.23 -14.14
N VAL A 325 14.86 -21.26 -13.98
CA VAL A 325 16.05 -21.12 -13.14
C VAL A 325 17.04 -20.17 -13.80
N PHE A 326 17.22 -20.31 -15.11
CA PHE A 326 18.15 -19.46 -15.84
C PHE A 326 17.66 -18.02 -15.82
N LEU A 327 16.36 -17.83 -16.07
CA LEU A 327 15.78 -16.48 -16.06
C LEU A 327 15.88 -15.92 -14.66
N GLY A 328 15.71 -16.78 -13.66
CA GLY A 328 15.82 -16.34 -12.29
C GLY A 328 17.23 -15.84 -12.00
N MET A 329 18.23 -16.51 -12.57
CA MET A 329 19.62 -16.13 -12.39
C MET A 329 19.87 -14.79 -13.07
N PHE A 330 19.29 -14.61 -14.26
CA PHE A 330 19.42 -13.36 -14.99
C PHE A 330 18.86 -12.23 -14.13
N LEU A 331 17.65 -12.45 -13.62
CA LEU A 331 16.98 -11.46 -12.80
C LEU A 331 17.75 -11.16 -11.52
N TYR A 332 18.32 -12.20 -10.90
CA TYR A 332 19.09 -12.02 -9.68
C TYR A 332 20.36 -11.18 -9.95
N GLU A 333 21.03 -11.46 -11.07
CA GLU A 333 22.25 -10.72 -11.40
C GLU A 333 21.92 -9.27 -11.76
N TYR A 334 20.85 -9.08 -12.52
CA TYR A 334 20.47 -7.74 -12.92
C TYR A 334 19.97 -6.91 -11.74
N ALA A 335 19.16 -7.55 -10.88
CA ALA A 335 18.59 -6.85 -9.72
C ALA A 335 19.60 -6.50 -8.64
N ARG A 336 20.51 -7.42 -8.33
CA ARG A 336 21.50 -7.19 -7.28
C ARG A 336 22.34 -5.97 -7.63
N ARG A 337 22.49 -5.72 -8.92
CA ARG A 337 23.26 -4.61 -9.47
C ARG A 337 22.43 -3.36 -9.60
N HIS A 338 21.12 -3.50 -9.52
CA HIS A 338 20.28 -2.33 -9.67
C HIS A 338 19.22 -2.04 -8.64
N PRO A 339 19.63 -1.64 -7.43
CA PRO A 339 18.64 -1.33 -6.40
C PRO A 339 17.98 -0.02 -6.79
N ASP A 340 18.50 0.62 -7.84
CA ASP A 340 17.93 1.89 -8.31
C ASP A 340 16.79 1.68 -9.28
N TYR A 341 16.50 0.43 -9.62
CA TYR A 341 15.39 0.16 -10.53
C TYR A 341 14.16 -0.27 -9.74
N SER A 342 12.99 -0.05 -10.32
CA SER A 342 11.76 -0.50 -9.70
C SER A 342 11.78 -2.00 -10.00
N VAL A 343 11.09 -2.78 -9.17
CA VAL A 343 11.07 -4.21 -9.42
C VAL A 343 10.42 -4.48 -10.78
N VAL A 344 9.31 -3.79 -11.07
CA VAL A 344 8.65 -4.02 -12.36
C VAL A 344 9.54 -3.72 -13.56
N LEU A 345 10.45 -2.76 -13.44
CA LEU A 345 11.35 -2.47 -14.57
C LEU A 345 12.19 -3.73 -14.77
N LEU A 346 12.70 -4.25 -13.67
CA LEU A 346 13.52 -5.45 -13.70
C LEU A 346 12.75 -6.61 -14.34
N LEU A 347 11.47 -6.72 -14.02
CA LEU A 347 10.65 -7.79 -14.58
C LEU A 347 10.45 -7.57 -16.08
N ARG A 348 10.37 -6.30 -16.50
CA ARG A 348 10.21 -6.05 -17.92
C ARG A 348 11.50 -6.43 -18.64
N LEU A 349 12.65 -6.23 -17.99
CA LEU A 349 13.92 -6.59 -18.59
C LEU A 349 14.03 -8.12 -18.72
N ALA A 350 13.60 -8.83 -17.68
CA ALA A 350 13.67 -10.28 -17.69
C ALA A 350 12.72 -10.86 -18.73
N LYS A 351 11.53 -10.26 -18.84
CA LYS A 351 10.56 -10.73 -19.80
C LYS A 351 11.10 -10.51 -21.22
N THR A 352 11.76 -9.37 -21.40
CA THR A 352 12.35 -9.05 -22.69
C THR A 352 13.42 -10.08 -23.02
N TYR A 353 14.25 -10.39 -22.03
CA TYR A 353 15.32 -11.37 -22.22
C TYR A 353 14.70 -12.72 -22.56
N GLU A 354 13.64 -13.07 -21.84
CA GLU A 354 12.93 -14.33 -22.06
C GLU A 354 12.43 -14.44 -23.49
N THR A 355 11.70 -13.41 -23.92
CA THR A 355 11.16 -13.37 -25.28
C THR A 355 12.25 -13.53 -26.34
N THR A 356 13.38 -12.87 -26.13
CA THR A 356 14.47 -12.94 -27.09
C THR A 356 15.07 -14.34 -27.12
N LEU A 357 15.27 -14.93 -25.95
CA LEU A 357 15.83 -16.27 -25.89
C LEU A 357 14.85 -17.26 -26.51
N GLU A 358 13.55 -17.12 -26.21
CA GLU A 358 12.55 -18.01 -26.77
C GLU A 358 12.55 -17.95 -28.30
N LYS A 359 12.77 -16.76 -28.83
CA LYS A 359 12.79 -16.54 -30.26
C LYS A 359 14.12 -17.02 -30.86
N CYS A 360 15.20 -16.46 -30.34
CA CYS A 360 16.54 -16.75 -30.81
C CYS A 360 17.09 -18.16 -30.67
N CYS A 361 16.86 -18.80 -29.52
CA CYS A 361 17.38 -20.15 -29.32
C CYS A 361 16.81 -21.13 -30.32
N ALA A 362 15.71 -20.75 -30.98
CA ALA A 362 15.08 -21.60 -31.99
C ALA A 362 15.66 -21.29 -33.37
N ALA A 363 16.53 -20.29 -33.44
CA ALA A 363 17.15 -19.89 -34.69
C ALA A 363 18.36 -20.76 -35.01
N ALA A 364 18.71 -20.84 -36.29
CA ALA A 364 19.85 -21.63 -36.74
C ALA A 364 21.11 -21.23 -35.99
N ASP A 365 21.29 -19.94 -35.78
CA ASP A 365 22.46 -19.44 -35.06
C ASP A 365 22.02 -18.46 -33.99
N PRO A 366 21.65 -18.99 -32.81
CA PRO A 366 21.20 -18.20 -31.65
C PRO A 366 21.98 -16.93 -31.32
N HIS A 367 23.29 -17.05 -31.13
CA HIS A 367 24.10 -15.90 -30.77
C HIS A 367 23.98 -14.69 -31.68
N GLU A 368 23.95 -14.92 -32.98
CA GLU A 368 23.84 -13.82 -33.94
C GLU A 368 22.52 -13.09 -33.70
N CYS A 369 21.52 -13.87 -33.31
CA CYS A 369 20.17 -13.36 -33.06
C CYS A 369 19.96 -12.60 -31.74
N TYR A 370 20.57 -13.06 -30.64
CA TYR A 370 20.40 -12.39 -29.34
C TYR A 370 21.61 -11.56 -28.91
N ALA A 371 22.60 -11.49 -29.78
CA ALA A 371 23.83 -10.76 -29.49
C ALA A 371 23.63 -9.34 -28.96
N LYS A 372 22.63 -8.62 -29.47
CA LYS A 372 22.39 -7.25 -29.04
C LYS A 372 21.17 -7.09 -28.13
N VAL A 373 20.78 -8.16 -27.43
CA VAL A 373 19.61 -8.08 -26.56
C VAL A 373 19.70 -6.94 -25.54
N PHE A 374 20.89 -6.71 -25.00
CA PHE A 374 21.05 -5.64 -24.01
C PHE A 374 20.72 -4.27 -24.55
N ASP A 375 20.66 -4.14 -25.87
CA ASP A 375 20.31 -2.88 -26.51
C ASP A 375 18.82 -2.62 -26.30
N GLU A 376 18.05 -3.70 -26.29
CA GLU A 376 16.60 -3.64 -26.11
C GLU A 376 16.24 -3.18 -24.70
N PHE A 377 17.20 -3.27 -23.78
CA PHE A 377 16.99 -2.88 -22.38
C PHE A 377 17.00 -1.38 -22.19
N LYS A 378 17.92 -0.71 -22.90
CA LYS A 378 18.10 0.73 -22.78
C LYS A 378 16.81 1.56 -22.78
N PRO A 379 15.97 1.43 -23.82
CA PRO A 379 14.73 2.20 -23.87
C PRO A 379 13.77 1.89 -22.73
N LEU A 380 13.77 0.64 -22.27
CA LEU A 380 12.91 0.24 -21.16
C LEU A 380 13.34 0.94 -19.88
N VAL A 381 14.64 0.96 -19.63
CA VAL A 381 15.18 1.61 -18.43
C VAL A 381 15.01 3.12 -18.49
N GLU A 382 15.28 3.69 -19.66
CA GLU A 382 15.19 5.13 -19.83
C GLU A 382 13.81 5.76 -19.67
N GLU A 383 12.77 5.03 -20.05
CA GLU A 383 11.40 5.55 -19.96
C GLU A 383 11.03 6.01 -18.55
N PRO A 384 11.22 5.15 -17.53
CA PRO A 384 10.89 5.54 -16.15
C PRO A 384 11.85 6.64 -15.69
N GLN A 385 13.13 6.47 -16.06
CA GLN A 385 14.15 7.42 -15.69
C GLN A 385 13.83 8.83 -16.18
N ASN A 386 13.46 8.96 -17.46
CA ASN A 386 13.12 10.28 -17.99
C ASN A 386 11.82 10.78 -17.38
N LEU A 387 10.87 9.88 -17.18
CA LEU A 387 9.60 10.27 -16.62
C LEU A 387 9.78 10.83 -15.21
N ILE A 388 10.72 10.27 -14.46
CA ILE A 388 10.97 10.77 -13.11
C ILE A 388 11.69 12.11 -13.18
N LYS A 389 12.63 12.23 -14.11
CA LYS A 389 13.38 13.48 -14.26
C LYS A 389 12.44 14.63 -14.61
N GLN A 390 11.60 14.43 -15.62
CA GLN A 390 10.68 15.48 -16.03
C GLN A 390 9.66 15.82 -14.96
N ASN A 391 9.19 14.81 -14.23
CA ASN A 391 8.22 15.08 -13.18
C ASN A 391 8.83 15.75 -11.95
N CYS A 392 10.03 15.32 -11.56
CA CYS A 392 10.68 15.93 -10.41
C CYS A 392 11.14 17.34 -10.77
N GLU A 393 11.48 17.54 -12.03
CA GLU A 393 11.91 18.86 -12.47
C GLU A 393 10.69 19.79 -12.51
N LEU A 394 9.56 19.25 -12.94
CA LEU A 394 8.33 20.03 -13.01
C LEU A 394 7.91 20.38 -11.58
N PHE A 395 7.97 19.39 -10.70
CA PHE A 395 7.59 19.59 -9.31
C PHE A 395 8.44 20.65 -8.61
N GLU A 396 9.75 20.57 -8.84
CA GLU A 396 10.69 21.49 -8.22
C GLU A 396 10.51 22.94 -8.68
N GLN A 397 9.90 23.11 -9.84
CA GLN A 397 9.67 24.46 -10.37
C GLN A 397 8.24 24.92 -10.16
N LEU A 398 7.36 24.02 -9.72
CA LEU A 398 5.96 24.36 -9.52
C LEU A 398 5.48 24.36 -8.08
N GLY A 399 5.98 23.41 -7.29
CA GLY A 399 5.53 23.31 -5.91
C GLY A 399 4.46 22.23 -5.91
N GLU A 400 4.21 21.62 -4.76
CA GLU A 400 3.24 20.54 -4.65
C GLU A 400 1.83 20.86 -5.13
N TYR A 401 1.30 21.99 -4.69
CA TYR A 401 -0.05 22.38 -5.07
C TYR A 401 -0.21 22.60 -6.56
N LYS A 402 0.63 23.47 -7.13
CA LYS A 402 0.55 23.75 -8.56
C LYS A 402 0.89 22.48 -9.35
N PHE A 403 1.74 21.65 -8.78
CA PHE A 403 2.13 20.41 -9.44
C PHE A 403 0.89 19.53 -9.55
N GLN A 404 0.14 19.42 -8.46
CA GLN A 404 -1.08 18.62 -8.47
C GLN A 404 -2.06 19.13 -9.51
N ASN A 405 -2.17 20.45 -9.61
CA ASN A 405 -3.07 21.07 -10.57
C ASN A 405 -2.66 20.77 -12.00
N ALA A 406 -1.37 20.67 -12.26
CA ALA A 406 -0.90 20.36 -13.61
C ALA A 406 -1.31 18.93 -13.93
N LEU A 407 -1.20 18.05 -12.93
CA LEU A 407 -1.57 16.66 -13.12
C LEU A 407 -3.07 16.56 -13.28
N LEU A 408 -3.78 17.36 -12.50
CA LEU A 408 -5.24 17.39 -12.53
C LEU A 408 -5.76 17.67 -13.94
N VAL A 409 -5.23 18.72 -14.57
CA VAL A 409 -5.68 19.05 -15.92
C VAL A 409 -5.25 17.96 -16.91
N ARG A 410 -4.02 17.48 -16.79
CA ARG A 410 -3.53 16.45 -17.68
C ARG A 410 -4.36 15.17 -17.65
N TYR A 411 -4.67 14.70 -16.45
CA TYR A 411 -5.45 13.48 -16.32
C TYR A 411 -6.92 13.65 -16.68
N THR A 412 -7.50 14.79 -16.32
CA THR A 412 -8.89 15.02 -16.65
C THR A 412 -9.05 14.94 -18.17
N LYS A 413 -8.11 15.55 -18.89
CA LYS A 413 -8.17 15.53 -20.36
C LYS A 413 -8.03 14.11 -20.90
N LYS A 414 -7.25 13.28 -20.22
CA LYS A 414 -7.05 11.91 -20.66
C LYS A 414 -8.27 11.05 -20.39
N VAL A 415 -8.82 11.16 -19.18
CA VAL A 415 -9.99 10.38 -18.81
C VAL A 415 -11.07 11.27 -18.20
N PRO A 416 -11.65 12.18 -19.01
CA PRO A 416 -12.69 13.11 -18.57
C PRO A 416 -13.91 12.46 -17.94
N GLN A 417 -14.10 11.17 -18.21
CA GLN A 417 -15.26 10.46 -17.66
C GLN A 417 -15.13 10.06 -16.20
N VAL A 418 -13.92 10.11 -15.65
CA VAL A 418 -13.74 9.75 -14.24
C VAL A 418 -14.42 10.82 -13.38
N SER A 419 -14.99 10.39 -12.25
CA SER A 419 -15.67 11.31 -11.37
C SER A 419 -14.72 12.38 -10.89
N THR A 420 -15.23 13.58 -10.70
CA THR A 420 -14.41 14.70 -10.25
C THR A 420 -13.70 14.39 -8.93
N PRO A 421 -14.44 13.90 -7.92
CA PRO A 421 -13.79 13.60 -6.64
C PRO A 421 -12.59 12.66 -6.82
N THR A 422 -12.71 11.69 -7.71
CA THR A 422 -11.63 10.75 -7.94
C THR A 422 -10.47 11.41 -8.67
N LEU A 423 -10.77 12.26 -9.65
CA LEU A 423 -9.70 12.96 -10.37
C LEU A 423 -8.90 13.83 -9.42
N VAL A 424 -9.62 14.47 -8.50
CA VAL A 424 -8.98 15.34 -7.53
C VAL A 424 -8.10 14.53 -6.58
N GLU A 425 -8.68 13.48 -6.01
CA GLU A 425 -7.95 12.65 -5.06
C GLU A 425 -6.71 12.01 -5.67
N VAL A 426 -6.86 11.35 -6.81
CA VAL A 426 -5.71 10.71 -7.45
C VAL A 426 -4.64 11.73 -7.80
N SER A 427 -5.07 12.87 -8.36
CA SER A 427 -4.15 13.92 -8.74
C SER A 427 -3.38 14.45 -7.53
N ARG A 428 -4.09 14.68 -6.43
CA ARG A 428 -3.45 15.16 -5.21
C ARG A 428 -2.48 14.13 -4.68
N ASN A 429 -2.90 12.87 -4.63
CA ASN A 429 -2.05 11.79 -4.14
C ASN A 429 -0.81 11.66 -5.02
N LEU A 430 -1.00 11.74 -6.33
CA LEU A 430 0.13 11.65 -7.24
C LEU A 430 1.04 12.84 -7.00
N GLY A 431 0.46 13.99 -6.67
CA GLY A 431 1.27 15.16 -6.42
C GLY A 431 2.17 14.92 -5.22
N LYS A 432 1.64 14.20 -4.23
CA LYS A 432 2.40 13.91 -3.03
C LYS A 432 3.51 12.90 -3.29
N VAL A 433 3.25 11.91 -4.13
CA VAL A 433 4.30 10.93 -4.42
C VAL A 433 5.48 11.70 -5.02
N GLY A 434 5.18 12.74 -5.79
CA GLY A 434 6.24 13.53 -6.38
C GLY A 434 7.02 14.22 -5.28
N SER A 435 6.29 14.86 -4.38
CA SER A 435 6.88 15.57 -3.25
C SER A 435 7.72 14.65 -2.37
N LYS A 436 7.24 13.42 -2.20
CA LYS A 436 7.93 12.44 -1.38
C LYS A 436 9.16 11.85 -2.05
N CYS A 437 8.96 11.28 -3.23
CA CYS A 437 10.05 10.64 -3.95
C CYS A 437 11.10 11.54 -4.58
N CYS A 438 10.71 12.72 -5.02
CA CYS A 438 11.69 13.62 -5.63
C CYS A 438 12.70 14.16 -4.61
N LYS A 439 12.46 13.88 -3.32
CA LYS A 439 13.39 14.32 -2.27
C LYS A 439 14.52 13.32 -2.17
N HIS A 440 14.42 12.23 -2.92
CA HIS A 440 15.45 11.20 -2.93
C HIS A 440 16.40 11.47 -4.08
N PRO A 441 17.68 11.07 -3.93
CA PRO A 441 18.60 11.30 -5.04
C PRO A 441 18.16 10.36 -6.15
N GLU A 442 18.58 10.61 -7.39
CA GLU A 442 18.16 9.77 -8.50
C GLU A 442 18.24 8.28 -8.25
N ALA A 443 19.29 7.84 -7.57
CA ALA A 443 19.49 6.42 -7.28
C ALA A 443 18.35 5.72 -6.52
N LYS A 444 17.57 6.48 -5.75
CA LYS A 444 16.48 5.85 -5.00
C LYS A 444 15.08 6.29 -5.44
N ARG A 445 15.00 7.13 -6.46
CA ARG A 445 13.70 7.64 -6.91
C ARG A 445 12.75 6.63 -7.57
N MET A 446 13.28 5.76 -8.43
CA MET A 446 12.39 4.82 -9.10
C MET A 446 11.72 3.82 -8.15
N PRO A 447 12.49 3.24 -7.21
CA PRO A 447 11.86 2.29 -6.30
C PRO A 447 10.80 2.99 -5.45
N CYS A 448 11.08 4.22 -5.05
CA CYS A 448 10.17 5.03 -4.24
C CYS A 448 8.87 5.25 -4.99
N ALA A 449 9.00 5.71 -6.24
CA ALA A 449 7.85 5.97 -7.08
C ALA A 449 7.05 4.69 -7.26
N GLU A 450 7.75 3.60 -7.51
CA GLU A 450 7.08 2.32 -7.70
C GLU A 450 6.24 1.95 -6.49
N ASP A 451 6.83 2.08 -5.30
CA ASP A 451 6.13 1.73 -4.08
C ASP A 451 4.89 2.61 -3.86
N TYR A 452 5.05 3.92 -3.98
CA TYR A 452 3.94 4.85 -3.79
C TYR A 452 2.91 4.79 -4.90
N LEU A 453 3.37 4.72 -6.15
CA LEU A 453 2.42 4.64 -7.26
C LEU A 453 1.59 3.38 -7.19
N SER A 454 2.17 2.29 -6.69
CA SER A 454 1.42 1.05 -6.59
C SER A 454 0.22 1.26 -5.68
N VAL A 455 0.38 2.14 -4.69
CA VAL A 455 -0.70 2.44 -3.76
C VAL A 455 -1.75 3.31 -4.45
N VAL A 456 -1.31 4.47 -4.94
CA VAL A 456 -2.21 5.39 -5.62
C VAL A 456 -2.97 4.75 -6.78
N LEU A 457 -2.23 4.05 -7.65
CA LEU A 457 -2.85 3.41 -8.81
C LEU A 457 -3.77 2.28 -8.41
N ASN A 458 -3.41 1.54 -7.37
CA ASN A 458 -4.25 0.45 -6.92
C ASN A 458 -5.58 1.00 -6.42
N GLN A 459 -5.52 2.12 -5.69
CA GLN A 459 -6.72 2.74 -5.14
C GLN A 459 -7.61 3.21 -6.28
N LEU A 460 -7.01 3.81 -7.29
CA LEU A 460 -7.76 4.29 -8.45
C LEU A 460 -8.46 3.11 -9.09
N CYS A 461 -7.72 2.02 -9.29
CA CYS A 461 -8.26 0.82 -9.90
C CYS A 461 -9.39 0.20 -9.09
N VAL A 462 -9.24 0.22 -7.77
CA VAL A 462 -10.28 -0.32 -6.89
C VAL A 462 -11.56 0.48 -7.09
N LEU A 463 -11.44 1.80 -7.10
CA LEU A 463 -12.59 2.67 -7.28
C LEU A 463 -13.22 2.43 -8.65
N HIS A 464 -12.40 2.31 -9.69
CA HIS A 464 -12.92 2.09 -11.04
C HIS A 464 -13.63 0.75 -11.10
N GLU A 465 -13.14 -0.21 -10.32
CA GLU A 465 -13.72 -1.55 -10.24
C GLU A 465 -15.17 -1.40 -9.75
N LYS A 466 -16.11 -1.99 -10.48
CA LYS A 466 -17.53 -1.92 -10.13
C LYS A 466 -17.99 -0.47 -9.91
N THR A 467 -17.55 0.37 -10.85
CA THR A 467 -17.86 1.79 -10.89
C THR A 467 -17.04 2.28 -12.07
N PRO A 468 -16.95 1.43 -13.12
CA PRO A 468 -16.18 1.77 -14.31
C PRO A 468 -16.81 2.85 -15.16
N VAL A 469 -15.94 3.59 -15.85
CA VAL A 469 -16.37 4.65 -16.74
C VAL A 469 -15.51 4.62 -18.00
N SER A 470 -14.42 3.85 -17.97
CA SER A 470 -13.52 3.78 -19.11
C SER A 470 -12.85 2.42 -19.35
N ASP A 471 -13.03 1.91 -20.57
CA ASP A 471 -12.43 0.63 -20.93
C ASP A 471 -10.91 0.72 -20.87
N ARG A 472 -10.36 1.89 -21.14
CA ARG A 472 -8.92 2.07 -21.10
C ARG A 472 -8.37 1.98 -19.67
N VAL A 473 -9.15 2.43 -18.70
CA VAL A 473 -8.70 2.35 -17.32
C VAL A 473 -8.82 0.89 -16.88
N THR A 474 -9.88 0.22 -17.33
CA THR A 474 -10.06 -1.19 -17.00
C THR A 474 -8.84 -1.97 -17.50
N LYS A 475 -8.51 -1.74 -18.76
CA LYS A 475 -7.36 -2.38 -19.41
C LYS A 475 -6.12 -2.27 -18.53
N CYS A 476 -5.77 -1.03 -18.17
CA CYS A 476 -4.60 -0.81 -17.36
C CYS A 476 -4.71 -1.45 -15.98
N CYS A 477 -5.92 -1.47 -15.44
CA CYS A 477 -6.15 -2.06 -14.13
C CYS A 477 -6.16 -3.56 -14.09
N THR A 478 -6.43 -4.19 -15.23
CA THR A 478 -6.50 -5.64 -15.31
C THR A 478 -5.29 -6.26 -15.99
N GLU A 479 -4.51 -5.42 -16.67
CA GLU A 479 -3.29 -5.88 -17.35
C GLU A 479 -2.30 -6.40 -16.32
N SER A 480 -1.16 -6.87 -16.79
CA SER A 480 -0.14 -7.37 -15.87
C SER A 480 0.30 -6.21 -14.99
N LEU A 481 0.59 -6.51 -13.73
CA LEU A 481 1.03 -5.49 -12.78
C LEU A 481 2.32 -4.82 -13.26
N VAL A 482 3.08 -5.52 -14.10
CA VAL A 482 4.34 -4.98 -14.61
C VAL A 482 4.11 -3.95 -15.70
N ASN A 483 2.93 -4.01 -16.32
CA ASN A 483 2.58 -3.09 -17.40
C ASN A 483 1.54 -2.08 -16.94
N ARG A 484 1.18 -2.15 -15.66
CA ARG A 484 0.17 -1.26 -15.10
C ARG A 484 0.50 0.23 -15.23
N ARG A 485 1.60 0.65 -14.62
CA ARG A 485 1.99 2.05 -14.64
C ARG A 485 2.26 2.55 -16.07
N PRO A 486 3.04 1.80 -16.87
CA PRO A 486 3.26 2.30 -18.22
C PRO A 486 1.97 2.39 -19.04
N CYS A 487 1.01 1.53 -18.72
CA CYS A 487 -0.27 1.54 -19.41
C CYS A 487 -0.96 2.86 -19.11
N PHE A 488 -0.96 3.26 -17.85
CA PHE A 488 -1.58 4.52 -17.45
C PHE A 488 -0.81 5.69 -18.06
N SER A 489 0.50 5.56 -18.13
CA SER A 489 1.32 6.62 -18.70
C SER A 489 1.02 6.77 -20.18
N ALA A 490 0.59 5.68 -20.80
CA ALA A 490 0.30 5.66 -22.23
C ALA A 490 -1.08 6.22 -22.59
N LEU A 491 -1.91 6.51 -21.60
CA LEU A 491 -3.22 7.06 -21.91
C LEU A 491 -3.05 8.36 -22.67
N GLU A 492 -3.88 8.54 -23.69
CA GLU A 492 -3.85 9.74 -24.51
C GLU A 492 -5.08 10.56 -24.23
N VAL A 493 -5.04 11.82 -24.66
CA VAL A 493 -6.16 12.73 -24.48
C VAL A 493 -7.39 12.12 -25.13
N ASP A 494 -8.54 12.21 -24.46
CA ASP A 494 -9.78 11.68 -24.99
C ASP A 494 -10.35 12.72 -25.94
N GLU A 495 -10.17 12.50 -27.24
CA GLU A 495 -10.67 13.44 -28.23
C GLU A 495 -12.13 13.21 -28.63
N THR A 496 -12.72 12.14 -28.13
CA THR A 496 -14.12 11.83 -28.45
C THR A 496 -15.03 12.40 -27.37
N TYR A 497 -14.42 12.87 -26.29
CA TYR A 497 -15.17 13.43 -25.15
C TYR A 497 -16.02 14.65 -25.49
N VAL A 498 -17.32 14.53 -25.28
CA VAL A 498 -18.23 15.63 -25.54
C VAL A 498 -18.21 16.55 -24.31
N PRO A 499 -17.86 17.83 -24.51
CA PRO A 499 -17.81 18.79 -23.41
C PRO A 499 -19.05 18.76 -22.52
N LYS A 500 -18.81 18.77 -21.21
CA LYS A 500 -19.88 18.73 -20.22
C LYS A 500 -20.62 20.06 -20.22
N GLU A 501 -21.95 19.99 -20.24
CA GLU A 501 -22.78 21.21 -20.24
C GLU A 501 -22.45 22.10 -19.06
N PHE A 502 -22.49 23.40 -19.29
CA PHE A 502 -22.20 24.39 -18.26
C PHE A 502 -23.22 24.35 -17.12
N ASN A 503 -22.73 24.28 -15.90
CA ASN A 503 -23.60 24.27 -14.73
C ASN A 503 -23.23 25.48 -13.88
N ALA A 504 -24.15 26.43 -13.79
CA ALA A 504 -23.94 27.64 -13.03
C ALA A 504 -23.53 27.36 -11.59
N GLU A 505 -24.24 26.44 -10.93
CA GLU A 505 -23.95 26.09 -9.55
C GLU A 505 -22.49 25.65 -9.38
N THR A 506 -22.06 24.77 -10.28
CA THR A 506 -20.70 24.25 -10.24
C THR A 506 -19.63 25.35 -10.24
N PHE A 507 -19.93 26.49 -10.87
CA PHE A 507 -18.97 27.58 -10.90
C PHE A 507 -19.40 28.82 -10.13
N THR A 508 -20.07 28.60 -9.00
CA THR A 508 -20.50 29.69 -8.15
C THR A 508 -19.75 29.52 -6.84
N PHE A 509 -19.07 30.58 -6.41
CA PHE A 509 -18.29 30.53 -5.18
C PHE A 509 -18.83 31.49 -4.12
N HIS A 510 -18.52 31.20 -2.86
CA HIS A 510 -19.00 32.03 -1.75
C HIS A 510 -17.86 32.38 -0.79
N ALA A 511 -18.09 33.42 0.01
CA ALA A 511 -17.11 33.90 0.98
C ALA A 511 -16.60 32.82 1.92
N ASP A 512 -17.38 31.76 2.08
CA ASP A 512 -16.99 30.66 2.96
C ASP A 512 -15.64 30.10 2.52
N ILE A 513 -15.39 30.17 1.22
CA ILE A 513 -14.14 29.69 0.64
C ILE A 513 -12.96 30.33 1.36
N CYS A 514 -13.18 31.52 1.92
CA CYS A 514 -12.12 32.23 2.63
C CYS A 514 -11.84 31.66 4.00
N THR A 515 -12.81 30.96 4.58
CA THR A 515 -12.65 30.40 5.92
C THR A 515 -12.39 28.90 5.98
N LEU A 516 -12.39 28.23 4.84
CA LEU A 516 -12.13 26.79 4.81
C LEU A 516 -10.67 26.57 5.18
N SER A 517 -10.35 25.36 5.63
CA SER A 517 -8.97 25.04 5.99
C SER A 517 -8.15 25.09 4.71
N GLU A 518 -6.82 24.99 4.83
CA GLU A 518 -5.97 25.03 3.66
C GLU A 518 -6.33 23.90 2.72
N LYS A 519 -6.51 22.72 3.29
CA LYS A 519 -6.86 21.52 2.54
C LYS A 519 -8.21 21.67 1.85
N GLU A 520 -9.23 22.01 2.64
CA GLU A 520 -10.57 22.18 2.10
C GLU A 520 -10.63 23.21 0.98
N ARG A 521 -9.84 24.26 1.10
CA ARG A 521 -9.81 25.31 0.08
C ARG A 521 -9.19 24.78 -1.21
N GLN A 522 -8.07 24.07 -1.07
CA GLN A 522 -7.38 23.50 -2.22
C GLN A 522 -8.34 22.56 -2.95
N ILE A 523 -9.01 21.71 -2.18
CA ILE A 523 -9.96 20.75 -2.75
C ILE A 523 -11.07 21.45 -3.50
N LYS A 524 -11.57 22.56 -2.97
CA LYS A 524 -12.66 23.26 -3.64
C LYS A 524 -12.17 23.81 -4.97
N LYS A 525 -10.96 24.36 -4.96
CA LYS A 525 -10.38 24.93 -6.18
C LYS A 525 -10.03 23.87 -7.20
N GLN A 526 -9.40 22.80 -6.77
CA GLN A 526 -9.03 21.74 -7.70
C GLN A 526 -10.30 21.09 -8.24
N THR A 527 -11.35 21.04 -7.42
CA THR A 527 -12.63 20.46 -7.84
C THR A 527 -13.21 21.33 -8.96
N ALA A 528 -13.15 22.64 -8.76
CA ALA A 528 -13.64 23.58 -9.77
C ALA A 528 -12.77 23.51 -11.02
N LEU A 529 -11.46 23.32 -10.82
CA LEU A 529 -10.54 23.21 -11.96
C LEU A 529 -10.90 22.01 -12.83
N VAL A 530 -11.20 20.88 -12.21
CA VAL A 530 -11.58 19.69 -12.97
C VAL A 530 -12.85 19.97 -13.75
N GLU A 531 -13.86 20.52 -13.09
CA GLU A 531 -15.11 20.84 -13.76
C GLU A 531 -14.90 21.81 -14.91
N LEU A 532 -13.93 22.71 -14.77
CA LEU A 532 -13.61 23.68 -15.81
C LEU A 532 -13.09 22.94 -17.04
N VAL A 533 -12.15 22.03 -16.82
CA VAL A 533 -11.58 21.26 -17.91
C VAL A 533 -12.61 20.35 -18.55
N LYS A 534 -13.52 19.81 -17.73
CA LYS A 534 -14.57 18.94 -18.23
C LYS A 534 -15.57 19.72 -19.09
N HIS A 535 -15.78 20.98 -18.75
CA HIS A 535 -16.69 21.83 -19.50
C HIS A 535 -16.01 22.41 -20.75
N LYS A 536 -14.70 22.62 -20.66
CA LYS A 536 -13.90 23.17 -21.76
C LYS A 536 -12.67 22.31 -21.95
N PRO A 537 -12.85 21.06 -22.42
CA PRO A 537 -11.73 20.13 -22.63
C PRO A 537 -10.67 20.58 -23.62
N LYS A 538 -11.02 21.51 -24.49
CA LYS A 538 -10.07 22.00 -25.48
C LYS A 538 -9.30 23.23 -25.04
N ALA A 539 -9.63 23.75 -23.86
CA ALA A 539 -8.94 24.91 -23.33
C ALA A 539 -7.48 24.51 -23.06
N THR A 540 -6.54 25.23 -23.67
CA THR A 540 -5.12 24.92 -23.50
C THR A 540 -4.66 25.21 -22.08
N LYS A 541 -3.57 24.57 -21.67
CA LYS A 541 -3.05 24.78 -20.33
C LYS A 541 -2.79 26.28 -20.14
N GLU A 542 -2.48 26.96 -21.23
CA GLU A 542 -2.22 28.40 -21.21
C GLU A 542 -3.51 29.17 -20.97
N GLN A 543 -4.56 28.78 -21.69
CA GLN A 543 -5.86 29.43 -21.54
C GLN A 543 -6.40 29.16 -20.14
N LEU A 544 -6.19 27.95 -19.65
CA LEU A 544 -6.65 27.58 -18.32
C LEU A 544 -5.96 28.41 -17.26
N LYS A 545 -4.65 28.63 -17.42
CA LYS A 545 -3.90 29.40 -16.45
C LYS A 545 -4.44 30.82 -16.34
N ALA A 546 -4.85 31.38 -17.47
CA ALA A 546 -5.40 32.74 -17.50
C ALA A 546 -6.68 32.81 -16.68
N VAL A 547 -7.55 31.81 -16.85
CA VAL A 547 -8.81 31.77 -16.10
C VAL A 547 -8.50 31.50 -14.63
N MET A 548 -7.51 30.66 -14.38
CA MET A 548 -7.10 30.33 -13.02
C MET A 548 -6.55 31.59 -12.35
N ASP A 549 -5.84 32.41 -13.11
CA ASP A 549 -5.29 33.64 -12.55
C ASP A 549 -6.40 34.64 -12.26
N ASP A 550 -7.39 34.72 -13.15
CA ASP A 550 -8.50 35.63 -12.92
C ASP A 550 -9.23 35.16 -11.67
N PHE A 551 -9.44 33.86 -11.56
CA PHE A 551 -10.10 33.29 -10.39
C PHE A 551 -9.30 33.56 -9.12
N ALA A 552 -7.99 33.34 -9.21
CA ALA A 552 -7.09 33.56 -8.08
C ALA A 552 -7.22 35.00 -7.60
N ALA A 553 -7.22 35.93 -8.54
CA ALA A 553 -7.34 37.35 -8.22
C ALA A 553 -8.74 37.61 -7.69
N PHE A 554 -9.71 36.87 -8.23
CA PHE A 554 -11.11 37.00 -7.83
C PHE A 554 -11.33 36.69 -6.35
N VAL A 555 -10.85 35.53 -5.92
CA VAL A 555 -11.00 35.12 -4.53
C VAL A 555 -10.18 35.97 -3.57
N GLU A 556 -8.92 36.20 -3.92
CA GLU A 556 -8.03 36.99 -3.08
C GLU A 556 -8.50 38.44 -3.03
N LYS A 557 -8.74 39.02 -4.20
CA LYS A 557 -9.19 40.41 -4.29
C LYS A 557 -10.69 40.50 -4.01
N CYS A 558 -11.15 39.70 -3.04
CA CYS A 558 -12.55 39.69 -2.64
C CYS A 558 -12.75 39.04 -1.27
N CYS A 559 -11.79 38.22 -0.85
CA CYS A 559 -11.86 37.59 0.46
C CYS A 559 -11.41 38.64 1.49
N LYS A 560 -10.44 39.45 1.08
CA LYS A 560 -9.91 40.52 1.92
C LYS A 560 -10.29 41.85 1.29
N ALA A 561 -11.55 42.24 1.45
CA ALA A 561 -12.03 43.49 0.88
C ALA A 561 -13.35 43.92 1.53
N ASP A 562 -13.24 44.62 2.66
CA ASP A 562 -14.41 45.11 3.39
C ASP A 562 -15.52 44.08 3.54
N ASP A 563 -16.65 44.52 4.09
CA ASP A 563 -17.80 43.65 4.29
C ASP A 563 -18.34 43.26 2.93
N LYS A 564 -17.85 42.15 2.39
CA LYS A 564 -18.30 41.70 1.09
C LYS A 564 -18.51 40.19 0.98
N GLU A 565 -19.77 39.79 0.90
CA GLU A 565 -20.12 38.39 0.73
C GLU A 565 -20.84 38.43 -0.61
N THR A 566 -20.77 39.62 -1.22
CA THR A 566 -21.39 39.90 -2.51
C THR A 566 -20.34 40.02 -3.62
N CYS A 567 -19.09 40.31 -3.26
CA CYS A 567 -18.03 40.40 -4.27
C CYS A 567 -17.74 39.01 -4.82
N PHE A 568 -18.50 38.03 -4.34
CA PHE A 568 -18.35 36.66 -4.82
C PHE A 568 -19.49 36.40 -5.79
N ALA A 569 -20.64 37.00 -5.49
CA ALA A 569 -21.82 36.84 -6.32
C ALA A 569 -21.72 37.70 -7.59
N GLU A 570 -21.52 39.01 -7.41
CA GLU A 570 -21.43 39.91 -8.55
C GLU A 570 -20.08 39.80 -9.27
N GLU A 571 -18.99 39.78 -8.52
CA GLU A 571 -17.68 39.65 -9.13
C GLU A 571 -17.50 38.26 -9.72
N GLY A 572 -18.23 37.30 -9.17
CA GLY A 572 -18.14 35.94 -9.68
C GLY A 572 -18.87 35.82 -11.00
N LYS A 573 -19.93 36.60 -11.14
CA LYS A 573 -20.73 36.58 -12.35
C LYS A 573 -19.90 37.08 -13.54
N LYS A 574 -19.06 38.08 -13.29
CA LYS A 574 -18.21 38.64 -14.34
C LYS A 574 -17.06 37.69 -14.66
N LEU A 575 -16.55 37.01 -13.63
CA LEU A 575 -15.47 36.06 -13.83
C LEU A 575 -15.95 34.95 -14.75
N VAL A 576 -17.08 34.35 -14.37
CA VAL A 576 -17.68 33.26 -15.14
C VAL A 576 -18.02 33.71 -16.56
N ALA A 577 -18.56 34.92 -16.68
CA ALA A 577 -18.94 35.45 -17.98
C ALA A 577 -17.71 35.63 -18.87
N ALA A 578 -16.66 36.22 -18.31
CA ALA A 578 -15.43 36.45 -19.06
C ALA A 578 -14.72 35.14 -19.41
N SER A 579 -14.78 34.18 -18.51
CA SER A 579 -14.14 32.89 -18.73
C SER A 579 -14.84 32.16 -19.88
N GLN A 580 -16.17 32.18 -19.87
CA GLN A 580 -16.93 31.54 -20.92
C GLN A 580 -16.59 32.15 -22.27
N ALA A 581 -16.25 33.43 -22.27
CA ALA A 581 -15.90 34.12 -23.50
C ALA A 581 -14.50 33.69 -23.92
N ALA A 582 -13.55 33.82 -23.00
CA ALA A 582 -12.17 33.46 -23.27
C ALA A 582 -12.04 32.02 -23.76
N LEU A 583 -12.79 31.11 -23.14
CA LEU A 583 -12.73 29.71 -23.52
C LEU A 583 -13.77 29.33 -24.58
N GLY A 584 -14.32 30.35 -25.23
CA GLY A 584 -15.32 30.10 -26.26
C GLY A 584 -14.72 30.03 -27.66
C1 MYR B . 5.91 -12.32 12.93
O1 MYR B . 5.23 -11.58 12.25
O2 MYR B . 7.02 -12.77 12.46
C2 MYR B . 5.56 -12.77 14.35
C3 MYR B . 4.13 -12.50 14.80
C4 MYR B . 3.71 -13.24 16.06
C5 MYR B . 2.28 -12.96 16.51
C6 MYR B . 1.57 -14.21 16.79
C7 MYR B . 0.43 -13.85 17.72
C8 MYR B . -0.11 -15.02 18.29
C9 MYR B . -1.58 -14.87 18.59
C10 MYR B . -1.89 -14.87 20.07
C11 MYR B . -2.79 -16.03 20.43
C12 MYR B . -4.16 -15.56 20.79
C13 MYR B . -5.04 -16.75 21.15
C14 MYR B . -6.47 -16.40 21.53
C1 MYR C . 7.87 1.52 -13.15
O1 MYR C . 6.94 1.52 -13.90
O2 MYR C . 8.98 0.96 -13.49
C2 MYR C . 7.85 2.13 -11.75
C3 MYR C . 8.43 3.53 -11.69
C4 MYR C . 7.60 4.57 -12.43
C5 MYR C . 8.13 5.99 -12.41
C6 MYR C . 7.14 6.90 -13.00
C7 MYR C . 7.64 8.32 -12.75
C8 MYR C . 7.15 8.79 -11.50
C9 MYR C . 7.79 10.11 -11.08
C10 MYR C . 7.41 10.53 -9.65
C11 MYR C . 6.40 11.66 -9.67
C12 MYR C . 5.02 11.14 -9.96
C13 MYR C . 4.03 12.28 -9.98
C14 MYR C . 2.61 11.84 -10.28
C1 MYR D . 3.57 10.73 -14.14
O1 MYR D . 2.74 11.53 -13.85
O2 MYR D . 4.38 10.95 -15.14
C2 MYR D . 3.77 9.39 -13.42
C3 MYR D . 2.79 8.30 -13.79
C4 MYR D . 1.50 8.30 -12.97
C5 MYR D . 0.50 7.20 -13.32
C6 MYR D . -0.48 7.68 -14.31
C7 MYR D . -1.61 8.33 -13.51
C8 MYR D . -2.84 7.63 -13.67
C9 MYR D . -3.60 8.04 -14.92
C10 MYR D . -4.60 9.17 -14.70
C11 MYR D . -6.00 8.65 -14.53
C12 MYR D . -6.64 9.28 -13.34
C13 MYR D . -8.06 8.75 -13.19
C14 MYR D . -8.82 9.32 -12.01
C1 MYR E . -5.70 28.51 -7.53
O1 MYR E . -5.77 29.64 -7.96
O2 MYR E . -5.46 28.30 -6.28
C2 MYR E . -5.89 27.26 -8.38
C3 MYR E . -6.81 27.42 -9.58
C4 MYR E . -8.23 26.93 -9.37
C5 MYR E . -9.14 27.10 -10.58
C6 MYR E . -10.48 27.52 -10.17
C7 MYR E . -11.39 27.27 -11.36
C8 MYR E . -12.49 28.17 -11.35
C9 MYR E . -12.70 28.86 -12.68
C10 MYR E . -13.81 29.91 -12.65
C11 MYR E . -14.32 30.20 -14.05
C12 MYR E . -15.44 29.26 -14.41
C13 MYR E . -15.93 29.56 -15.81
C14 MYR E . -17.06 28.66 -16.30
C1 MYR F . 5.64 -11.34 -15.05
O1 MYR F . 4.76 -10.57 -15.33
O2 MYR F . 5.39 -12.40 -14.34
C2 MYR F . 7.10 -11.16 -15.48
C3 MYR F . 7.82 -12.41 -15.96
C4 MYR F . 9.35 -12.32 -15.94
C5 MYR F . 10.08 -13.58 -16.42
C6 MYR F . 11.12 -13.97 -15.47
C7 MYR F . 10.63 -15.26 -14.80
C8 MYR F . 11.43 -15.57 -13.67
C9 MYR F . 11.13 -16.95 -13.12
C10 MYR F . 11.20 -17.03 -11.60
C11 MYR F . 12.52 -17.63 -11.15
C12 MYR F . 12.47 -18.09 -9.72
C13 MYR F . 13.81 -18.67 -9.34
C14 MYR F . 13.91 -19.17 -7.91
CHA HEM G . -7.56 4.72 9.85
CHB HEM G . -4.92 1.74 12.62
CHC HEM G . -5.76 4.58 16.42
CHD HEM G . -8.37 7.51 13.66
C1A HEM G . -6.75 3.66 10.23
C2A HEM G . -6.29 2.59 9.34
C3A HEM G . -5.48 1.71 10.22
C4A HEM G . -5.53 2.28 11.52
CMA HEM G . -4.76 0.43 9.85
CAA HEM G . -6.59 2.47 7.88
CBA HEM G . -7.59 1.36 7.61
CGA HEM G . -8.11 1.40 6.21
O1A HEM G . -9.14 2.02 5.92
O2A HEM G . -7.45 0.75 5.33
C1B HEM G . -4.94 2.25 13.90
C2B HEM G . -4.29 1.63 15.06
C3B HEM G . -4.52 2.42 16.11
C4B HEM G . -5.31 3.53 15.62
CMB HEM G . -3.52 0.33 14.98
CAB HEM G . -4.08 2.24 17.55
CBB HEM G . -4.81 1.65 18.46
C1C HEM G . -6.53 5.66 16.03
C2C HEM G . -6.95 6.72 16.90
C3C HEM G . -7.70 7.54 16.11
C4C HEM G . -7.71 6.97 14.77
CMC HEM G . -6.62 6.81 18.37
CAC HEM G . -8.44 8.82 16.41
CBC HEM G . -8.55 9.48 17.56
C1D HEM G . -8.41 7.02 12.37
C2D HEM G . -9.14 7.62 11.27
C3D HEM G . -8.90 6.81 10.19
C4D HEM G . -8.03 5.74 10.64
CMD HEM G . -9.99 8.88 11.35
CAD HEM G . -9.46 7.01 8.79
CBD HEM G . -10.78 6.19 8.66
CGD HEM G . -11.47 6.25 7.32
O1D HEM G . -12.41 5.50 7.05
O2D HEM G . -11.04 7.11 6.48
NA HEM G . -6.28 3.48 11.54
NB HEM G . -5.58 3.43 14.30
NC HEM G . -6.98 5.84 14.73
ND HEM G . -7.76 5.90 11.98
FE HEM G . -6.63 4.67 13.13
#